data_2L9A
#
_entry.id   2L9A
#
_cell.length_a   1.000
_cell.length_b   1.000
_cell.length_c   1.000
_cell.angle_alpha   90.00
_cell.angle_beta   90.00
_cell.angle_gamma   90.00
#
_symmetry.space_group_name_H-M   'P 1'
#
_entity_poly.entity_id   1
_entity_poly.type   'polypeptide(L)'
_entity_poly.pdbx_seq_one_letter_code
;KKLKLALAKLAPLWKALALKLKKA
;
_entity_poly.pdbx_strand_id   X
#
# COMPACT_ATOMS: atom_id res chain seq x y z
N LYS A 1 -17.33 -0.65 -5.63
CA LYS A 1 -16.45 -1.53 -6.45
C LYS A 1 -15.60 -0.72 -7.42
N LYS A 2 -16.21 -0.21 -8.48
CA LYS A 2 -15.45 0.48 -9.53
C LYS A 2 -15.13 1.92 -9.14
N LEU A 3 -14.30 2.05 -8.13
CA LEU A 3 -13.82 3.35 -7.65
C LEU A 3 -12.74 3.16 -6.60
N LYS A 4 -12.88 2.12 -5.79
CA LYS A 4 -11.93 1.85 -4.72
C LYS A 4 -11.07 0.63 -5.03
N LEU A 5 -11.72 -0.48 -5.37
CA LEU A 5 -11.00 -1.71 -5.69
C LEU A 5 -10.33 -1.61 -7.05
N ALA A 6 -10.67 -0.56 -7.79
CA ALA A 6 -10.06 -0.30 -9.08
C ALA A 6 -8.97 0.75 -8.95
N LEU A 7 -8.73 1.18 -7.72
CA LEU A 7 -7.75 2.22 -7.45
C LEU A 7 -6.46 1.59 -6.93
N ALA A 8 -5.40 1.67 -7.74
CA ALA A 8 -4.10 1.09 -7.42
C ALA A 8 -4.16 -0.44 -7.45
N LYS A 9 -5.32 -0.97 -7.79
CA LYS A 9 -5.55 -2.41 -7.96
C LYS A 9 -5.53 -3.14 -6.63
N LEU A 10 -4.34 -3.38 -6.11
CA LEU A 10 -4.20 -4.09 -4.84
C LEU A 10 -3.92 -3.11 -3.72
N ALA A 11 -3.94 -1.82 -4.06
CA ALA A 11 -3.65 -0.74 -3.12
C ALA A 11 -2.34 -0.95 -2.39
N PRO A 12 -1.20 -0.90 -3.12
CA PRO A 12 0.13 -1.20 -2.55
C PRO A 12 0.47 -0.32 -1.35
N LEU A 13 -0.04 0.89 -1.33
CA LEU A 13 0.22 1.82 -0.23
C LEU A 13 -0.36 1.28 1.07
N TRP A 14 -1.51 0.64 0.98
CA TRP A 14 -2.18 0.08 2.16
C TRP A 14 -1.64 -1.30 2.47
N LYS A 15 -0.64 -1.74 1.72
CA LYS A 15 0.04 -2.99 1.99
C LYS A 15 1.40 -2.70 2.61
N ALA A 16 2.02 -1.61 2.18
CA ALA A 16 3.32 -1.20 2.68
C ALA A 16 3.23 -0.65 4.11
N LEU A 17 2.20 0.15 4.37
CA LEU A 17 2.02 0.72 5.70
C LEU A 17 1.42 -0.31 6.63
N ALA A 18 0.77 -1.30 6.03
CA ALA A 18 0.15 -2.37 6.79
C ALA A 18 1.21 -3.31 7.36
N LEU A 19 2.38 -3.31 6.74
CA LEU A 19 3.49 -4.13 7.19
C LEU A 19 3.89 -3.77 8.61
N LYS A 20 3.98 -2.47 8.88
CA LYS A 20 4.35 -2.00 10.21
C LYS A 20 3.17 -2.12 11.16
N LEU A 21 1.97 -1.86 10.64
CA LEU A 21 0.75 -1.95 11.43
C LEU A 21 0.52 -3.38 11.92
N LYS A 22 1.02 -4.34 11.15
CA LYS A 22 0.88 -5.75 11.47
C LYS A 22 1.90 -6.18 12.53
N LYS A 23 2.88 -5.31 12.78
CA LYS A 23 3.94 -5.61 13.72
C LYS A 23 3.80 -4.76 14.99
N ALA A 24 4.01 -3.46 14.86
CA ALA A 24 3.99 -2.55 15.99
C ALA A 24 4.08 -1.11 15.50
N LYS A 1 9.39 9.97 -8.71
CA LYS A 1 8.23 9.33 -8.05
C LYS A 1 7.40 10.36 -7.28
N LYS A 2 6.50 11.00 -7.99
CA LYS A 2 5.63 12.01 -7.39
C LYS A 2 4.21 11.84 -7.92
N LEU A 3 3.26 12.47 -7.24
CA LEU A 3 1.86 12.46 -7.65
C LEU A 3 1.30 11.04 -7.71
N LYS A 4 1.19 10.49 -8.92
CA LYS A 4 0.59 9.18 -9.11
C LYS A 4 1.67 8.11 -9.25
N LEU A 5 2.93 8.51 -9.25
CA LEU A 5 4.03 7.56 -9.36
C LEU A 5 4.24 6.85 -8.03
N ALA A 6 3.62 7.38 -7.00
CA ALA A 6 3.65 6.74 -5.68
C ALA A 6 2.27 6.18 -5.35
N LEU A 7 1.41 6.13 -6.37
CA LEU A 7 0.04 5.68 -6.19
C LEU A 7 -0.15 4.28 -6.78
N ALA A 8 -0.37 4.22 -8.09
CA ALA A 8 -0.66 2.95 -8.76
C ALA A 8 0.62 2.21 -9.09
N LYS A 9 1.75 2.77 -8.69
CA LYS A 9 3.05 2.20 -8.96
C LYS A 9 3.67 1.70 -7.66
N LEU A 10 2.87 1.62 -6.61
CA LEU A 10 3.35 1.25 -5.30
C LEU A 10 2.21 0.74 -4.42
N ALA A 11 1.14 1.53 -4.32
CA ALA A 11 0.01 1.23 -3.43
C ALA A 11 0.48 1.14 -1.98
N PRO A 12 0.82 2.29 -1.38
CA PRO A 12 1.35 2.37 -0.03
C PRO A 12 0.31 2.03 1.04
N LEU A 13 -0.96 2.16 0.67
CA LEU A 13 -2.06 1.85 1.58
C LEU A 13 -2.22 0.34 1.74
N TRP A 14 -1.39 -0.42 1.04
CA TRP A 14 -1.38 -1.86 1.17
C TRP A 14 0.00 -2.35 1.60
N LYS A 15 1.02 -2.01 0.81
CA LYS A 15 2.36 -2.56 0.99
C LYS A 15 2.94 -2.28 2.37
N ALA A 16 2.79 -1.05 2.84
CA ALA A 16 3.43 -0.64 4.08
C ALA A 16 2.50 0.22 4.93
N LEU A 17 1.30 -0.28 5.14
CA LEU A 17 0.37 0.38 6.03
C LEU A 17 0.17 -0.49 7.27
N ALA A 18 -0.63 -1.53 7.12
CA ALA A 18 -0.87 -2.45 8.22
C ALA A 18 0.34 -3.34 8.45
N LEU A 19 1.17 -3.50 7.43
CA LEU A 19 2.34 -4.38 7.51
C LEU A 19 3.46 -3.71 8.30
N LYS A 20 3.27 -2.44 8.64
CA LYS A 20 4.25 -1.73 9.45
C LYS A 20 3.74 -1.55 10.87
N LEU A 21 2.45 -1.32 11.01
CA LEU A 21 1.86 -1.11 12.34
C LEU A 21 1.50 -2.43 13.00
N LYS A 22 1.04 -3.39 12.20
CA LYS A 22 0.65 -4.70 12.70
C LYS A 22 1.71 -5.74 12.35
N LYS A 23 2.84 -5.23 11.84
CA LYS A 23 3.97 -6.06 11.39
C LYS A 23 3.59 -6.89 10.16
N ALA A 24 4.57 -7.58 9.61
CA ALA A 24 4.38 -8.39 8.42
C ALA A 24 3.89 -9.78 8.79
N LYS A 1 8.59 10.85 -11.56
CA LYS A 1 7.87 11.27 -10.34
C LYS A 1 6.40 10.80 -10.38
N LYS A 2 5.68 11.13 -11.46
CA LYS A 2 4.24 10.91 -11.50
C LYS A 2 3.88 9.50 -11.96
N LEU A 3 4.52 8.52 -11.36
CA LEU A 3 4.13 7.13 -11.56
C LEU A 3 3.70 6.55 -10.23
N LYS A 4 4.65 6.08 -9.44
CA LYS A 4 4.35 5.59 -8.10
C LYS A 4 5.22 6.29 -7.05
N LEU A 5 6.18 7.07 -7.51
CA LEU A 5 7.09 7.76 -6.60
C LEU A 5 6.35 8.90 -5.88
N ALA A 6 5.67 9.73 -6.65
CA ALA A 6 4.86 10.79 -6.08
C ALA A 6 3.46 10.28 -5.75
N LEU A 7 3.38 8.99 -5.45
CA LEU A 7 2.12 8.35 -5.15
C LEU A 7 2.24 7.57 -3.84
N ALA A 8 3.20 6.67 -3.79
CA ALA A 8 3.42 5.86 -2.60
C ALA A 8 4.56 6.44 -1.77
N LYS A 9 4.71 7.76 -1.83
CA LYS A 9 5.75 8.47 -1.11
C LYS A 9 5.44 8.50 0.38
N LEU A 10 5.93 7.48 1.09
CA LEU A 10 5.72 7.34 2.53
C LEU A 10 4.27 7.01 2.85
N ALA A 11 3.47 6.85 1.81
CA ALA A 11 2.07 6.49 1.96
C ALA A 11 1.69 5.38 0.98
N PRO A 12 2.14 4.14 1.25
CA PRO A 12 1.87 2.99 0.38
C PRO A 12 0.45 2.49 0.51
N LEU A 13 -0.26 2.98 1.52
CA LEU A 13 -1.65 2.63 1.78
C LEU A 13 -1.80 1.17 2.20
N TRP A 14 -1.45 0.26 1.30
CA TRP A 14 -1.59 -1.16 1.54
C TRP A 14 -0.21 -1.80 1.72
N LYS A 15 0.72 -1.43 0.84
CA LYS A 15 2.01 -2.11 0.71
C LYS A 15 2.82 -2.09 2.02
N ALA A 16 2.85 -0.96 2.70
CA ALA A 16 3.65 -0.84 3.91
C ALA A 16 2.98 0.02 4.95
N LEU A 17 1.68 -0.15 5.09
CA LEU A 17 0.93 0.52 6.13
C LEU A 17 0.37 -0.51 7.09
N ALA A 18 -0.63 -1.24 6.62
CA ALA A 18 -1.25 -2.29 7.42
C ALA A 18 -0.29 -3.46 7.62
N LEU A 19 0.64 -3.62 6.67
CA LEU A 19 1.57 -4.75 6.72
C LEU A 19 2.73 -4.47 7.68
N LYS A 20 2.85 -3.23 8.13
CA LYS A 20 3.93 -2.86 9.04
C LYS A 20 3.38 -2.42 10.38
N LEU A 21 2.15 -1.91 10.36
CA LEU A 21 1.48 -1.47 11.58
C LEU A 21 1.40 -2.60 12.61
N LYS A 22 1.13 -3.80 12.14
CA LYS A 22 0.97 -4.95 13.02
C LYS A 22 2.26 -5.76 13.09
N LYS A 23 3.40 -5.08 12.97
CA LYS A 23 4.69 -5.72 13.15
C LYS A 23 5.58 -4.91 14.07
N ALA A 24 5.74 -3.63 13.76
CA ALA A 24 6.59 -2.77 14.56
C ALA A 24 5.81 -1.58 15.09
N LYS A 1 7.38 8.48 -2.14
CA LYS A 1 6.09 7.83 -2.45
C LYS A 1 5.75 7.99 -3.92
N LYS A 2 6.64 7.52 -4.79
CA LYS A 2 6.38 7.53 -6.22
C LYS A 2 5.84 6.18 -6.65
N LEU A 3 6.74 5.21 -6.77
CA LEU A 3 6.37 3.89 -7.28
C LEU A 3 5.94 2.96 -6.16
N LYS A 4 6.12 3.39 -4.92
CA LYS A 4 5.68 2.61 -3.78
C LYS A 4 4.26 3.02 -3.38
N LEU A 5 3.89 4.22 -3.77
CA LEU A 5 2.54 4.71 -3.51
C LEU A 5 1.63 4.30 -4.67
N ALA A 6 2.21 4.29 -5.87
CA ALA A 6 1.46 3.95 -7.08
C ALA A 6 1.34 2.44 -7.26
N LEU A 7 1.48 1.69 -6.17
CA LEU A 7 1.30 0.25 -6.22
C LEU A 7 -0.16 -0.08 -6.48
N ALA A 8 -1.03 0.54 -5.71
CA ALA A 8 -2.46 0.35 -5.85
C ALA A 8 -3.24 1.60 -5.46
N LYS A 9 -2.58 2.51 -4.72
CA LYS A 9 -3.19 3.77 -4.27
C LYS A 9 -4.25 3.54 -3.19
N LEU A 10 -5.30 2.84 -3.56
CA LEU A 10 -6.46 2.63 -2.69
C LEU A 10 -6.27 1.44 -1.76
N ALA A 11 -5.07 0.86 -1.75
CA ALA A 11 -4.81 -0.33 -0.96
C ALA A 11 -3.68 -0.10 0.04
N PRO A 12 -4.00 0.51 1.20
CA PRO A 12 -3.01 0.81 2.24
C PRO A 12 -2.59 -0.44 3.02
N LEU A 13 -3.39 -1.49 2.92
CA LEU A 13 -3.15 -2.73 3.66
C LEU A 13 -1.75 -3.28 3.40
N TRP A 14 -1.35 -3.30 2.12
CA TRP A 14 -0.03 -3.81 1.77
C TRP A 14 0.84 -2.70 1.21
N LYS A 15 0.39 -1.47 1.39
CA LYS A 15 1.16 -0.29 0.98
C LYS A 15 2.09 0.12 2.11
N ALA A 16 2.52 -0.88 2.88
CA ALA A 16 3.44 -0.69 3.99
C ALA A 16 2.84 0.18 5.09
N LEU A 17 1.52 0.08 5.27
CA LEU A 17 0.86 0.76 6.37
C LEU A 17 0.45 -0.28 7.40
N ALA A 18 -0.52 -1.11 7.06
CA ALA A 18 -0.97 -2.17 7.94
C ALA A 18 0.13 -3.22 8.09
N LEU A 19 0.86 -3.44 7.00
CA LEU A 19 1.92 -4.46 6.98
C LEU A 19 3.07 -4.07 7.91
N LYS A 20 3.22 -2.78 8.16
CA LYS A 20 4.33 -2.28 8.95
C LYS A 20 3.87 -1.86 10.35
N LEU A 21 2.58 -1.62 10.49
CA LEU A 21 2.01 -1.23 11.77
C LEU A 21 1.61 -2.46 12.58
N LYS A 22 0.94 -3.40 11.93
CA LYS A 22 0.44 -4.59 12.62
C LYS A 22 1.52 -5.65 12.75
N LYS A 23 2.51 -5.63 11.85
CA LYS A 23 3.57 -6.60 11.91
C LYS A 23 4.89 -5.95 12.30
N ALA A 24 5.58 -6.57 13.24
CA ALA A 24 6.88 -6.10 13.66
C ALA A 24 7.96 -7.02 13.10
N LYS A 1 -4.93 8.22 -12.98
CA LYS A 1 -3.52 7.77 -13.01
C LYS A 1 -3.20 6.96 -11.76
N LYS A 2 -3.54 7.53 -10.60
CA LYS A 2 -3.32 6.86 -9.33
C LYS A 2 -4.19 5.62 -9.20
N LEU A 3 -5.46 5.74 -9.56
CA LEU A 3 -6.42 4.66 -9.37
C LEU A 3 -6.32 3.60 -10.48
N LYS A 4 -5.10 3.13 -10.71
CA LYS A 4 -4.87 2.01 -11.63
C LYS A 4 -3.40 1.66 -11.67
N LEU A 5 -2.59 2.57 -12.21
CA LEU A 5 -1.16 2.31 -12.41
C LEU A 5 -0.41 2.35 -11.08
N ALA A 6 -0.91 3.15 -10.14
CA ALA A 6 -0.30 3.25 -8.83
C ALA A 6 -0.93 2.26 -7.86
N LEU A 7 -1.72 1.34 -8.38
CA LEU A 7 -2.39 0.34 -7.56
C LEU A 7 -2.06 -1.05 -8.03
N ALA A 8 -1.88 -1.20 -9.34
CA ALA A 8 -1.59 -2.50 -9.94
C ALA A 8 -0.31 -3.11 -9.41
N LYS A 9 0.60 -2.25 -8.95
CA LYS A 9 1.87 -2.73 -8.43
C LYS A 9 1.75 -3.10 -6.95
N LEU A 10 0.86 -4.05 -6.67
CA LEU A 10 0.71 -4.66 -5.35
C LEU A 10 0.20 -3.69 -4.28
N ALA A 11 -0.41 -2.58 -4.73
CA ALA A 11 -0.93 -1.56 -3.83
C ALA A 11 0.14 -1.05 -2.87
N PRO A 12 1.05 -0.20 -3.38
CA PRO A 12 2.21 0.29 -2.59
C PRO A 12 1.81 1.02 -1.32
N LEU A 13 0.62 1.63 -1.33
CA LEU A 13 0.15 2.38 -0.17
C LEU A 13 -0.45 1.46 0.87
N TRP A 14 -0.97 0.33 0.42
CA TRP A 14 -1.64 -0.61 1.30
C TRP A 14 -0.64 -1.57 1.95
N LYS A 15 0.19 -2.18 1.12
CA LYS A 15 1.10 -3.23 1.58
C LYS A 15 2.18 -2.67 2.52
N ALA A 16 2.36 -1.36 2.52
CA ALA A 16 3.35 -0.72 3.36
C ALA A 16 2.72 -0.14 4.61
N LEU A 17 1.41 0.02 4.61
CA LEU A 17 0.72 0.65 5.72
C LEU A 17 0.45 -0.38 6.80
N ALA A 18 -0.11 -1.50 6.38
CA ALA A 18 -0.52 -2.53 7.31
C ALA A 18 0.68 -3.37 7.73
N LEU A 19 1.76 -3.25 6.98
CA LEU A 19 2.97 -4.01 7.23
C LEU A 19 3.54 -3.68 8.60
N LYS A 20 3.75 -2.39 8.85
CA LYS A 20 4.45 -1.97 10.07
C LYS A 20 3.50 -1.55 11.17
N LEU A 21 2.20 -1.66 10.94
CA LEU A 21 1.22 -1.30 11.96
C LEU A 21 0.78 -2.52 12.76
N LYS A 22 1.07 -3.70 12.24
CA LYS A 22 0.70 -4.93 12.94
C LYS A 22 1.88 -5.88 13.06
N LYS A 23 2.69 -5.96 12.01
CA LYS A 23 3.87 -6.80 12.04
C LYS A 23 5.09 -5.98 12.44
N ALA A 24 5.35 -5.91 13.74
CA ALA A 24 6.46 -5.15 14.26
C ALA A 24 7.11 -5.91 15.41
N LYS A 1 -6.86 -1.57 -18.61
CA LYS A 1 -5.52 -1.97 -18.13
C LYS A 1 -4.59 -0.76 -18.12
N LYS A 2 -3.39 -0.95 -17.56
CA LYS A 2 -2.34 0.08 -17.54
C LYS A 2 -2.86 1.41 -16.98
N LEU A 3 -3.66 1.32 -15.92
CA LEU A 3 -4.17 2.51 -15.25
C LEU A 3 -4.31 2.25 -13.76
N LYS A 4 -5.42 1.65 -13.38
CA LYS A 4 -5.68 1.37 -11.98
C LYS A 4 -5.19 -0.03 -11.63
N LEU A 5 -5.28 -0.95 -12.58
CA LEU A 5 -4.80 -2.31 -12.39
C LEU A 5 -3.27 -2.31 -12.31
N ALA A 6 -2.65 -1.30 -12.91
CA ALA A 6 -1.20 -1.18 -12.90
C ALA A 6 -0.68 -0.83 -11.51
N LEU A 7 -1.60 -0.44 -10.63
CA LEU A 7 -1.24 -0.05 -9.27
C LEU A 7 -1.84 -1.03 -8.28
N ALA A 8 -2.95 -1.66 -8.67
CA ALA A 8 -3.61 -2.64 -7.82
C ALA A 8 -2.84 -3.95 -7.79
N LYS A 9 -1.73 -4.00 -8.52
CA LYS A 9 -0.86 -5.18 -8.52
C LYS A 9 0.40 -4.86 -7.72
N LEU A 10 0.44 -3.65 -7.19
CA LEU A 10 1.54 -3.21 -6.37
C LEU A 10 1.02 -2.89 -4.98
N ALA A 11 -0.06 -2.10 -4.92
CA ALA A 11 -0.67 -1.69 -3.66
C ALA A 11 0.36 -1.23 -2.61
N PRO A 12 1.25 -0.29 -2.98
CA PRO A 12 2.40 0.08 -2.15
C PRO A 12 1.99 0.75 -0.84
N LEU A 13 0.93 1.55 -0.91
CA LEU A 13 0.45 2.28 0.26
C LEU A 13 0.02 1.31 1.35
N TRP A 14 -0.64 0.24 0.95
CA TRP A 14 -1.25 -0.68 1.90
C TRP A 14 -0.27 -1.72 2.41
N LYS A 15 0.74 -2.02 1.59
CA LYS A 15 1.79 -2.96 2.01
C LYS A 15 2.49 -2.45 3.27
N ALA A 16 2.68 -1.15 3.35
CA ALA A 16 3.35 -0.57 4.50
C ALA A 16 2.36 0.00 5.51
N LEU A 17 1.09 0.08 5.11
CA LEU A 17 0.05 0.60 5.98
C LEU A 17 -0.40 -0.49 6.93
N ALA A 18 -0.41 -1.71 6.42
CA ALA A 18 -0.83 -2.85 7.21
C ALA A 18 0.36 -3.63 7.75
N LEU A 19 1.28 -4.01 6.88
CA LEU A 19 2.31 -4.96 7.23
C LEU A 19 3.43 -4.29 8.03
N LYS A 20 3.50 -2.97 7.99
CA LYS A 20 4.50 -2.24 8.76
C LYS A 20 3.91 -1.57 9.98
N LEU A 21 2.61 -1.73 10.17
CA LEU A 21 1.94 -1.16 11.32
C LEU A 21 1.49 -2.27 12.28
N LYS A 22 0.95 -3.33 11.71
CA LYS A 22 0.50 -4.47 12.49
C LYS A 22 1.66 -5.39 12.82
N LYS A 23 2.67 -5.42 11.96
CA LYS A 23 3.84 -6.26 12.17
C LYS A 23 5.03 -5.43 12.58
N ALA A 24 5.78 -5.94 13.55
CA ALA A 24 6.99 -5.30 14.01
C ALA A 24 8.12 -6.32 14.12
N LYS A 1 -9.61 7.82 -14.25
CA LYS A 1 -8.27 7.36 -13.80
C LYS A 1 -8.40 6.39 -12.62
N LYS A 2 -9.58 5.80 -12.47
CA LYS A 2 -9.84 4.88 -11.38
C LYS A 2 -9.40 3.48 -11.78
N LEU A 3 -8.10 3.30 -11.97
CA LEU A 3 -7.53 2.02 -12.34
C LEU A 3 -6.01 2.03 -12.15
N LYS A 4 -5.32 2.81 -12.98
CA LYS A 4 -3.87 2.85 -12.94
C LYS A 4 -3.39 3.82 -11.87
N LEU A 5 -3.88 5.06 -11.95
CA LEU A 5 -3.49 6.09 -11.00
C LEU A 5 -3.89 5.69 -9.58
N ALA A 6 -5.07 5.10 -9.46
CA ALA A 6 -5.58 4.66 -8.17
C ALA A 6 -4.91 3.37 -7.71
N LEU A 7 -3.89 2.94 -8.44
CA LEU A 7 -3.13 1.76 -8.08
C LEU A 7 -1.63 2.08 -8.08
N ALA A 8 -1.32 3.36 -8.25
CA ALA A 8 0.06 3.82 -8.25
C ALA A 8 0.28 4.82 -7.13
N LYS A 9 -0.73 5.61 -6.83
CA LYS A 9 -0.65 6.62 -5.80
C LYS A 9 -1.02 6.05 -4.44
N LEU A 10 0.00 5.62 -3.70
CA LEU A 10 -0.14 5.17 -2.31
C LEU A 10 -0.83 3.80 -2.21
N ALA A 11 -1.46 3.37 -3.30
CA ALA A 11 -2.13 2.07 -3.32
C ALA A 11 -1.16 0.91 -3.02
N PRO A 12 0.02 0.84 -3.66
CA PRO A 12 1.04 -0.16 -3.32
C PRO A 12 1.58 0.03 -1.91
N LEU A 13 1.51 1.26 -1.42
CA LEU A 13 2.04 1.60 -0.10
C LEU A 13 1.06 1.22 1.00
N TRP A 14 -0.19 0.96 0.61
CA TRP A 14 -1.20 0.51 1.56
C TRP A 14 -0.77 -0.83 2.17
N LYS A 15 -0.15 -1.66 1.36
CA LYS A 15 0.33 -2.96 1.80
C LYS A 15 1.47 -2.76 2.81
N ALA A 16 2.29 -1.75 2.57
CA ALA A 16 3.40 -1.44 3.46
C ALA A 16 2.89 -0.79 4.75
N LEU A 17 1.71 -0.20 4.68
CA LEU A 17 1.11 0.43 5.85
C LEU A 17 0.55 -0.65 6.73
N ALA A 18 -0.02 -1.68 6.10
CA ALA A 18 -0.53 -2.82 6.82
C ALA A 18 0.63 -3.63 7.39
N LEU A 19 1.74 -3.66 6.65
CA LEU A 19 2.95 -4.35 7.07
C LEU A 19 3.46 -3.76 8.38
N LYS A 20 3.57 -2.45 8.44
CA LYS A 20 4.12 -1.77 9.61
C LYS A 20 3.03 -1.48 10.65
N LEU A 21 1.82 -1.97 10.39
CA LEU A 21 0.70 -1.72 11.27
C LEU A 21 0.72 -2.65 12.48
N LYS A 22 0.92 -3.94 12.22
CA LYS A 22 0.87 -4.95 13.27
C LYS A 22 2.06 -5.90 13.20
N LYS A 23 3.22 -5.36 12.82
CA LYS A 23 4.42 -6.16 12.76
C LYS A 23 5.59 -5.42 13.40
N ALA A 24 5.91 -5.82 14.63
CA ALA A 24 7.03 -5.27 15.36
C ALA A 24 7.57 -6.33 16.32
N LYS A 1 -2.13 12.02 -7.62
CA LYS A 1 -3.04 11.11 -8.34
C LYS A 1 -3.16 11.52 -9.81
N LYS A 2 -2.03 11.55 -10.51
CA LYS A 2 -2.00 11.92 -11.91
C LYS A 2 -2.83 10.94 -12.72
N LEU A 3 -3.98 11.42 -13.21
CA LEU A 3 -4.92 10.61 -13.98
C LEU A 3 -5.42 9.43 -13.15
N LYS A 4 -5.30 9.56 -11.82
CA LYS A 4 -5.63 8.50 -10.87
C LYS A 4 -4.80 7.24 -11.12
N LEU A 5 -3.78 7.37 -11.94
CA LEU A 5 -2.90 6.25 -12.26
C LEU A 5 -1.81 6.16 -11.21
N ALA A 6 -1.27 7.31 -10.86
CA ALA A 6 -0.34 7.41 -9.74
C ALA A 6 -1.13 7.55 -8.44
N LEU A 7 -2.10 6.65 -8.26
CA LEU A 7 -2.93 6.62 -7.08
C LEU A 7 -3.35 5.19 -6.78
N ALA A 8 -4.18 4.63 -7.65
CA ALA A 8 -4.70 3.28 -7.47
C ALA A 8 -3.79 2.27 -8.17
N LYS A 9 -2.49 2.49 -8.07
CA LYS A 9 -1.52 1.62 -8.72
C LYS A 9 -1.25 0.38 -7.86
N LEU A 10 -2.25 -0.50 -7.79
CA LEU A 10 -2.15 -1.76 -7.04
C LEU A 10 -1.99 -1.54 -5.54
N ALA A 11 -2.43 -0.35 -5.10
CA ALA A 11 -2.38 0.04 -3.68
C ALA A 11 -0.98 -0.11 -3.08
N PRO A 12 0.01 0.65 -3.58
CA PRO A 12 1.41 0.50 -3.13
C PRO A 12 1.61 0.95 -1.68
N LEU A 13 0.83 1.93 -1.25
CA LEU A 13 0.95 2.47 0.09
C LEU A 13 0.29 1.54 1.11
N TRP A 14 -0.59 0.67 0.62
CA TRP A 14 -1.31 -0.25 1.48
C TRP A 14 -0.39 -1.37 1.97
N LYS A 15 0.59 -1.71 1.14
CA LYS A 15 1.61 -2.68 1.51
C LYS A 15 2.29 -2.25 2.81
N ALA A 16 2.85 -1.05 2.80
CA ALA A 16 3.52 -0.52 3.97
C ALA A 16 2.53 0.24 4.86
N LEU A 17 1.34 -0.31 4.96
CA LEU A 17 0.32 0.26 5.83
C LEU A 17 -0.15 -0.80 6.81
N ALA A 18 -0.61 -1.92 6.29
CA ALA A 18 -1.17 -2.98 7.12
C ALA A 18 -0.12 -4.01 7.51
N LEU A 19 1.09 -3.85 7.00
CA LEU A 19 2.16 -4.77 7.33
C LEU A 19 2.94 -4.27 8.53
N LYS A 20 3.48 -3.07 8.42
CA LYS A 20 4.43 -2.56 9.42
C LYS A 20 3.72 -1.79 10.52
N LEU A 21 2.41 -1.66 10.42
CA LEU A 21 1.62 -1.06 11.48
C LEU A 21 0.97 -2.17 12.32
N LYS A 22 1.40 -3.39 12.06
CA LYS A 22 0.92 -4.55 12.81
C LYS A 22 2.10 -5.29 13.41
N LYS A 23 3.05 -5.66 12.57
CA LYS A 23 4.27 -6.31 13.00
C LYS A 23 5.48 -5.69 12.32
N ALA A 24 6.66 -6.13 12.72
CA ALA A 24 7.89 -5.65 12.13
C ALA A 24 9.00 -6.66 12.33
N LYS A 1 -16.85 -2.26 -4.38
CA LYS A 1 -15.46 -1.84 -4.65
C LYS A 1 -14.47 -2.55 -3.72
N LYS A 2 -14.86 -2.71 -2.47
CA LYS A 2 -13.96 -3.26 -1.45
C LYS A 2 -14.03 -4.79 -1.41
N LEU A 3 -13.84 -5.43 -2.55
CA LEU A 3 -13.78 -6.88 -2.60
C LEU A 3 -12.45 -7.34 -3.17
N LYS A 4 -12.23 -7.07 -4.45
CA LYS A 4 -11.00 -7.46 -5.10
C LYS A 4 -10.31 -6.26 -5.73
N LEU A 5 -10.99 -5.12 -5.77
CA LEU A 5 -10.36 -3.89 -6.23
C LEU A 5 -9.55 -3.25 -5.11
N ALA A 6 -10.12 -3.24 -3.91
CA ALA A 6 -9.44 -2.68 -2.75
C ALA A 6 -8.45 -3.68 -2.16
N LEU A 7 -7.76 -4.39 -3.04
CA LEU A 7 -6.76 -5.37 -2.63
C LEU A 7 -5.62 -5.37 -3.64
N ALA A 8 -4.62 -4.51 -3.37
CA ALA A 8 -3.40 -4.40 -4.18
C ALA A 8 -3.66 -3.68 -5.50
N LYS A 9 -4.83 -3.90 -6.07
CA LYS A 9 -5.17 -3.32 -7.37
C LYS A 9 -5.38 -1.81 -7.27
N LEU A 10 -6.43 -1.40 -6.58
CA LEU A 10 -6.72 0.01 -6.39
C LEU A 10 -6.38 0.44 -4.97
N ALA A 11 -5.60 -0.38 -4.27
CA ALA A 11 -5.21 -0.08 -2.90
C ALA A 11 -3.81 -0.62 -2.62
N PRO A 12 -2.78 -0.11 -3.30
CA PRO A 12 -1.40 -0.55 -3.11
C PRO A 12 -0.72 0.20 -1.97
N LEU A 13 -1.52 0.85 -1.14
CA LEU A 13 -1.00 1.61 -0.02
C LEU A 13 -0.77 0.72 1.19
N TRP A 14 -1.68 -0.23 1.39
CA TRP A 14 -1.68 -1.08 2.59
C TRP A 14 -0.40 -1.90 2.70
N LYS A 15 0.24 -2.19 1.56
CA LYS A 15 1.44 -3.03 1.54
C LYS A 15 2.62 -2.32 2.22
N ALA A 16 2.46 -1.05 2.52
CA ALA A 16 3.47 -0.32 3.26
C ALA A 16 2.82 0.62 4.28
N LEU A 17 1.57 0.31 4.61
CA LEU A 17 0.83 1.09 5.60
C LEU A 17 0.35 0.18 6.72
N ALA A 18 -0.06 -1.03 6.35
CA ALA A 18 -0.54 -2.00 7.32
C ALA A 18 0.47 -3.12 7.54
N LEU A 19 1.43 -3.24 6.61
CA LEU A 19 2.41 -4.32 6.67
C LEU A 19 3.21 -4.25 7.98
N LYS A 20 3.76 -3.08 8.26
CA LYS A 20 4.54 -2.89 9.48
C LYS A 20 3.68 -2.22 10.54
N LEU A 21 2.37 -2.33 10.38
CA LEU A 21 1.42 -1.83 11.37
C LEU A 21 0.98 -2.98 12.26
N LYS A 22 0.87 -4.16 11.66
CA LYS A 22 0.52 -5.37 12.39
C LYS A 22 1.79 -6.07 12.86
N LYS A 23 2.86 -5.30 12.99
CA LYS A 23 4.15 -5.84 13.35
C LYS A 23 4.88 -4.88 14.29
N ALA A 24 5.58 -5.45 15.25
CA ALA A 24 6.37 -4.68 16.20
C ALA A 24 7.66 -5.42 16.53
N LYS A 1 -2.66 3.67 -18.55
CA LYS A 1 -3.08 2.47 -17.78
C LYS A 1 -1.94 1.46 -17.69
N LYS A 2 -0.90 1.66 -18.48
CA LYS A 2 0.25 0.76 -18.46
C LYS A 2 1.32 1.25 -17.49
N LEU A 3 2.04 2.30 -17.86
CA LEU A 3 3.23 2.70 -17.14
C LEU A 3 2.90 3.59 -15.93
N LYS A 4 1.76 3.34 -15.32
CA LYS A 4 1.43 3.95 -14.03
C LYS A 4 0.79 2.89 -13.14
N LEU A 5 -0.27 2.27 -13.63
CA LEU A 5 -0.96 1.22 -12.91
C LEU A 5 -0.05 0.02 -12.69
N ALA A 6 0.72 -0.33 -13.71
CA ALA A 6 1.64 -1.44 -13.62
C ALA A 6 2.95 -1.04 -12.92
N LEU A 7 2.94 0.14 -12.30
CA LEU A 7 4.10 0.60 -11.54
C LEU A 7 3.74 0.72 -10.06
N ALA A 8 2.67 1.47 -9.76
CA ALA A 8 2.16 1.55 -8.40
C ALA A 8 1.64 0.18 -7.98
N LYS A 9 0.85 -0.43 -8.86
CA LYS A 9 0.50 -1.85 -8.76
C LYS A 9 -0.31 -2.13 -7.50
N LEU A 10 -1.57 -1.69 -7.53
CA LEU A 10 -2.53 -1.96 -6.46
C LEU A 10 -2.21 -1.14 -5.21
N ALA A 11 -1.54 0.00 -5.41
CA ALA A 11 -1.27 0.98 -4.35
C ALA A 11 -0.34 0.43 -3.27
N PRO A 12 0.95 0.81 -3.32
CA PRO A 12 1.94 0.37 -2.33
C PRO A 12 1.72 1.00 -0.96
N LEU A 13 0.99 2.10 -0.95
CA LEU A 13 0.72 2.85 0.28
C LEU A 13 -0.01 1.99 1.30
N TRP A 14 -0.94 1.19 0.81
CA TRP A 14 -1.73 0.32 1.66
C TRP A 14 -0.90 -0.85 2.17
N LYS A 15 -0.15 -1.46 1.26
CA LYS A 15 0.60 -2.67 1.56
C LYS A 15 1.66 -2.41 2.64
N ALA A 16 2.46 -1.37 2.45
CA ALA A 16 3.62 -1.13 3.30
C ALA A 16 3.21 -0.73 4.71
N LEU A 17 2.11 -0.01 4.83
CA LEU A 17 1.66 0.45 6.13
C LEU A 17 0.82 -0.61 6.83
N ALA A 18 0.37 -1.59 6.06
CA ALA A 18 -0.38 -2.70 6.61
C ALA A 18 0.57 -3.73 7.21
N LEU A 19 1.65 -4.03 6.48
CA LEU A 19 2.63 -5.01 6.93
C LEU A 19 3.33 -4.53 8.20
N LYS A 20 3.41 -3.22 8.36
CA LYS A 20 4.02 -2.64 9.55
C LYS A 20 2.97 -1.98 10.44
N LEU A 21 1.74 -2.44 10.33
CA LEU A 21 0.68 -1.96 11.20
C LEU A 21 0.65 -2.78 12.48
N LYS A 22 0.75 -4.09 12.32
CA LYS A 22 0.72 -5.01 13.45
C LYS A 22 2.12 -5.54 13.77
N LYS A 23 3.12 -4.93 13.14
CA LYS A 23 4.52 -5.25 13.41
C LYS A 23 5.42 -4.12 12.95
N ALA A 24 6.12 -3.51 13.89
CA ALA A 24 7.02 -2.42 13.58
C ALA A 24 8.40 -2.95 13.24
#